data_4YQB
#
_entry.id   4YQB
#
_cell.length_a   94.605
_cell.length_b   94.605
_cell.length_c   178.818
_cell.angle_alpha   90.000
_cell.angle_beta   90.000
_cell.angle_gamma   120.000
#
_symmetry.space_group_name_H-M   'H 3 2'
#
loop_
_entity.id
_entity.type
_entity.pdbx_description
1 polymer 'tRNA (guanine-N(1)-)-methyltransferase'
2 non-polymer 6-[(2-hydroxybenzyl)amino]pyridine-3-carboxamide
3 water water
#
_entity_poly.entity_id   1
_entity_poly.type   'polypeptide(L)'
_entity_poly.pdbx_seq_one_letter_code
;GLVPRGSHMWIGVISLFPEMFKAITEFGVTGRAVKHNLLKVECWNPRDFTFDKHKTVDDRPYGGGPGMLMMVQPLRDAIH
TAKAAAGEGAKVIYLSPQGRKLDQGGVTELAQNQKLILVCGRYEGIDERLIQTEIDEEWSIGDYVLTGGELPAMTLIDAV
ARFIPGVLGKQASAEEDSFADGLLDCPHYTRPEVLEGLTVPPVLMSGHHEEIRKWRLKQSLQRTWLRRPELLEGLALTDE
QRKLLKEAQAEHNS
;
_entity_poly.pdbx_strand_id   A
#
loop_
_chem_comp.id
_chem_comp.type
_chem_comp.name
_chem_comp.formula
4GM non-polymer 6-[(2-hydroxybenzyl)amino]pyridine-3-carboxamide 'C13 H13 N3 O2'
#
# COMPACT_ATOMS: atom_id res chain seq x y z
N GLY A 6 -14.74 -8.29 12.91
CA GLY A 6 -15.08 -9.45 12.13
C GLY A 6 -13.85 -10.02 11.45
N SER A 7 -13.60 -9.58 10.22
CA SER A 7 -12.37 -9.91 9.51
C SER A 7 -11.28 -8.88 9.87
N HIS A 8 -11.19 -8.53 11.15
CA HIS A 8 -10.28 -7.49 11.60
C HIS A 8 -8.83 -7.86 11.33
N MET A 9 -7.96 -6.87 11.42
CA MET A 9 -6.58 -7.07 11.04
C MET A 9 -5.67 -6.53 12.13
N TRP A 10 -4.63 -7.30 12.45
CA TRP A 10 -3.61 -6.86 13.37
C TRP A 10 -2.30 -6.63 12.62
N ILE A 11 -1.71 -5.46 12.81
CA ILE A 11 -0.47 -5.19 12.12
C ILE A 11 0.56 -4.77 13.14
N GLY A 12 1.60 -5.57 13.31
CA GLY A 12 2.71 -5.21 14.15
C GLY A 12 3.74 -4.45 13.33
N VAL A 13 4.37 -3.46 13.94
CA VAL A 13 5.31 -2.61 13.21
C VAL A 13 6.62 -2.49 14.01
N ILE A 14 7.74 -2.63 13.32
CA ILE A 14 9.04 -2.43 13.91
C ILE A 14 9.62 -1.17 13.31
N SER A 15 9.83 -0.15 14.14
CA SER A 15 10.24 1.15 13.62
C SER A 15 10.95 1.99 14.65
N LEU A 16 12.01 2.66 14.21
CA LEU A 16 12.73 3.67 15.01
C LEU A 16 11.91 4.96 15.19
N PHE A 17 10.89 5.15 14.37
CA PHE A 17 10.05 6.34 14.51
C PHE A 17 8.56 5.98 14.57
N PRO A 18 8.14 5.33 15.67
CA PRO A 18 6.76 4.84 15.74
C PRO A 18 5.71 5.97 15.69
N GLU A 19 6.08 7.18 16.10
CA GLU A 19 5.13 8.28 16.08
C GLU A 19 4.72 8.70 14.67
N MET A 20 5.50 8.31 13.66
CA MET A 20 5.09 8.54 12.28
C MET A 20 3.74 7.87 11.98
N PHE A 21 3.48 6.73 12.62
CA PHE A 21 2.26 5.98 12.29
C PHE A 21 0.96 6.65 12.77
N LYS A 22 1.10 7.67 13.62
CA LYS A 22 -0.03 8.52 13.98
C LYS A 22 -0.71 9.06 12.73
N ALA A 23 0.04 9.19 11.63
CA ALA A 23 -0.53 9.73 10.40
C ALA A 23 -1.64 8.82 9.90
N ILE A 24 -1.54 7.51 10.12
CA ILE A 24 -2.65 6.67 9.71
C ILE A 24 -3.58 6.30 10.87
N THR A 25 -3.05 6.24 12.09
CA THR A 25 -3.89 5.76 13.20
C THR A 25 -4.78 6.86 13.79
N GLU A 26 -4.50 8.12 13.51
CA GLU A 26 -5.27 9.20 14.11
C GLU A 26 -6.17 9.96 13.14
N PHE A 27 -6.11 9.65 11.85
CA PHE A 27 -6.79 10.50 10.87
C PHE A 27 -7.54 9.72 9.81
N GLY A 28 -8.66 10.29 9.37
CA GLY A 28 -9.36 9.79 8.19
C GLY A 28 -9.95 8.41 8.38
N VAL A 29 -10.09 7.71 7.26
CA VAL A 29 -10.68 6.39 7.19
C VAL A 29 -9.89 5.34 7.98
N THR A 30 -8.56 5.38 7.91
CA THR A 30 -7.76 4.42 8.67
C THR A 30 -7.85 4.73 10.17
N GLY A 31 -7.89 6.01 10.52
CA GLY A 31 -8.06 6.41 11.90
C GLY A 31 -9.40 5.91 12.45
N ARG A 32 -10.47 6.02 11.66
CA ARG A 32 -11.75 5.45 12.06
C ARG A 32 -11.68 3.93 12.25
N ALA A 33 -11.01 3.26 11.31
CA ALA A 33 -10.81 1.81 11.38
C ALA A 33 -10.15 1.39 12.69
N VAL A 34 -9.13 2.15 13.08
CA VAL A 34 -8.43 1.90 14.34
C VAL A 34 -9.37 2.14 15.52
N LYS A 35 -10.07 3.27 15.54
CA LYS A 35 -10.96 3.55 16.66
C LYS A 35 -12.08 2.52 16.78
N HIS A 36 -12.52 1.97 15.65
CA HIS A 36 -13.60 0.98 15.67
C HIS A 36 -13.10 -0.46 15.84
N ASN A 37 -11.81 -0.62 16.09
CA ASN A 37 -11.20 -1.92 16.33
C ASN A 37 -11.25 -2.85 15.10
N LEU A 38 -11.43 -2.28 13.92
CA LEU A 38 -11.32 -3.07 12.69
C LEU A 38 -9.85 -3.30 12.36
N LEU A 39 -9.01 -2.37 12.78
CA LEU A 39 -7.59 -2.40 12.51
C LEU A 39 -6.83 -2.09 13.78
N LYS A 40 -5.81 -2.89 14.08
CA LYS A 40 -4.95 -2.59 15.20
C LYS A 40 -3.52 -2.50 14.71
N VAL A 41 -2.88 -1.37 14.99
CA VAL A 41 -1.47 -1.18 14.66
C VAL A 41 -0.70 -1.07 15.96
N GLU A 42 0.31 -1.92 16.11
CA GLU A 42 1.10 -1.98 17.34
C GLU A 42 2.59 -1.90 16.99
N CYS A 43 3.28 -0.97 17.63
CA CYS A 43 4.67 -0.64 17.27
C CYS A 43 5.68 -1.07 18.34
N TRP A 44 6.83 -1.55 17.88
CA TRP A 44 7.97 -1.84 18.74
C TRP A 44 9.18 -1.05 18.21
N ASN A 45 9.86 -0.34 19.09
CA ASN A 45 11.03 0.46 18.71
C ASN A 45 12.36 -0.20 19.12
N PRO A 46 13.22 -0.53 18.15
CA PRO A 46 14.51 -1.18 18.46
C PRO A 46 15.30 -0.40 19.51
N ARG A 47 15.10 0.91 19.55
CA ARG A 47 15.79 1.73 20.54
C ARG A 47 15.44 1.26 21.96
N ASP A 48 14.24 0.74 22.17
CA ASP A 48 13.86 0.23 23.49
C ASP A 48 14.54 -1.10 23.83
N PHE A 49 15.24 -1.67 22.85
CA PHE A 49 15.88 -2.98 23.07
C PHE A 49 17.39 -2.90 23.15
N THR A 50 17.91 -1.67 23.16
CA THR A 50 19.34 -1.43 23.34
C THR A 50 19.73 -1.51 24.82
N PHE A 51 21.02 -1.69 25.08
CA PHE A 51 21.49 -1.78 26.46
C PHE A 51 22.61 -0.79 26.78
N ASP A 52 23.18 -0.15 25.75
CA ASP A 52 24.26 0.80 26.00
C ASP A 52 23.67 2.17 26.36
N LYS A 53 24.49 3.02 26.97
CA LYS A 53 24.02 4.29 27.54
C LYS A 53 23.41 5.17 26.46
N HIS A 54 24.00 5.15 25.28
CA HIS A 54 23.53 6.00 24.20
C HIS A 54 22.49 5.35 23.30
N LYS A 55 22.03 4.16 23.67
CA LYS A 55 20.92 3.52 22.95
C LYS A 55 21.20 3.42 21.44
N THR A 56 22.33 2.81 21.09
CA THR A 56 22.78 2.78 19.69
C THR A 56 21.96 1.79 18.87
N VAL A 57 21.42 2.27 17.75
CA VAL A 57 20.60 1.44 16.88
C VAL A 57 21.18 1.27 15.48
N ASP A 58 22.34 1.85 15.19
CA ASP A 58 23.00 1.59 13.91
C ASP A 58 24.37 0.92 14.08
N ASP A 59 24.92 0.39 12.99
CA ASP A 59 26.23 -0.29 13.04
C ASP A 59 26.90 -0.17 11.67
N ARG A 60 28.22 -0.33 11.63
CA ARG A 60 28.99 -0.19 10.39
C ARG A 60 28.92 -1.45 9.54
N PRO A 61 28.88 -1.29 8.21
CA PRO A 61 28.85 -2.48 7.36
C PRO A 61 30.24 -3.07 7.19
N TYR A 62 30.36 -4.40 7.23
CA TYR A 62 31.64 -5.01 6.88
C TYR A 62 31.94 -4.67 5.42
N GLY A 63 33.22 -4.50 5.11
CA GLY A 63 33.66 -4.22 3.77
C GLY A 63 33.80 -2.73 3.53
N GLY A 64 33.38 -1.94 4.50
CA GLY A 64 33.42 -0.50 4.35
C GLY A 64 32.26 0.02 3.54
N GLY A 65 32.35 1.28 3.11
CA GLY A 65 31.26 1.93 2.43
C GLY A 65 30.77 3.12 3.22
N PRO A 66 30.07 4.05 2.57
CA PRO A 66 29.64 5.30 3.21
C PRO A 66 28.53 5.13 4.25
N GLY A 67 27.71 4.09 4.13
CA GLY A 67 26.48 4.02 4.89
C GLY A 67 26.54 3.24 6.19
N MET A 68 25.46 3.30 6.95
CA MET A 68 25.31 2.48 8.15
C MET A 68 24.20 1.47 7.92
N LEU A 69 24.18 0.42 8.72
CA LEU A 69 23.02 -0.48 8.75
C LEU A 69 22.35 -0.39 10.10
N MET A 70 21.14 -0.92 10.18
CA MET A 70 20.53 -1.09 11.47
CA MET A 70 20.47 -1.17 11.45
C MET A 70 21.34 -2.10 12.27
N MET A 71 21.55 -1.79 13.54
CA MET A 71 22.28 -2.69 14.43
C MET A 71 21.47 -3.98 14.62
N VAL A 72 22.12 -5.12 14.45
CA VAL A 72 21.41 -6.41 14.51
C VAL A 72 20.68 -6.72 15.84
N GLN A 73 21.38 -6.61 16.97
CA GLN A 73 20.80 -7.09 18.25
C GLN A 73 19.48 -6.37 18.66
N PRO A 74 19.45 -5.02 18.66
CA PRO A 74 18.16 -4.41 19.01
C PRO A 74 17.06 -4.70 17.99
N LEU A 75 17.41 -4.73 16.71
CA LEU A 75 16.42 -4.99 15.68
C LEU A 75 15.86 -6.40 15.83
N ARG A 76 16.77 -7.35 15.96
CA ARG A 76 16.40 -8.75 16.12
C ARG A 76 15.52 -8.96 17.36
N ASP A 77 15.89 -8.37 18.49
CA ASP A 77 15.11 -8.54 19.71
C ASP A 77 13.71 -7.90 19.56
N ALA A 78 13.65 -6.76 18.90
CA ALA A 78 12.35 -6.10 18.65
C ALA A 78 11.43 -7.01 17.82
N ILE A 79 12.00 -7.58 16.76
CA ILE A 79 11.25 -8.51 15.93
C ILE A 79 10.75 -9.73 16.72
N HIS A 80 11.61 -10.33 17.53
CA HIS A 80 11.20 -11.51 18.29
C HIS A 80 10.06 -11.18 19.24
N THR A 81 10.12 -9.98 19.82
CA THR A 81 9.10 -9.53 20.73
C THR A 81 7.76 -9.30 19.99
N ALA A 82 7.82 -8.74 18.78
CA ALA A 82 6.60 -8.58 18.02
C ALA A 82 6.00 -9.93 17.62
N LYS A 83 6.86 -10.88 17.24
CA LYS A 83 6.39 -12.22 16.85
C LYS A 83 5.71 -12.91 18.02
N ALA A 84 6.26 -12.78 19.22
CA ALA A 84 5.65 -13.40 20.39
C ALA A 84 4.27 -12.79 20.66
N ALA A 85 4.13 -11.49 20.47
CA ALA A 85 2.83 -10.84 20.67
C ALA A 85 1.81 -11.28 19.63
N ALA A 86 2.25 -11.52 18.40
CA ALA A 86 1.35 -11.87 17.32
C ALA A 86 0.87 -13.32 17.44
N GLY A 87 1.69 -14.15 18.03
CA GLY A 87 1.39 -15.57 18.10
C GLY A 87 1.57 -16.20 16.73
N GLU A 88 0.88 -17.31 16.52
CA GLU A 88 1.06 -18.09 15.29
C GLU A 88 0.32 -17.46 14.12
N GLY A 89 0.88 -17.65 12.92
CA GLY A 89 0.22 -17.24 11.70
C GLY A 89 0.56 -15.86 11.18
N ALA A 90 1.39 -15.12 11.90
CA ALA A 90 1.76 -13.77 11.46
C ALA A 90 2.89 -13.82 10.45
N LYS A 91 2.66 -13.22 9.29
CA LYS A 91 3.62 -13.13 8.21
C LYS A 91 4.48 -11.88 8.42
N VAL A 92 5.81 -12.05 8.39
CA VAL A 92 6.72 -10.93 8.63
C VAL A 92 7.25 -10.38 7.31
N ILE A 93 7.01 -9.08 7.10
CA ILE A 93 7.31 -8.41 5.85
C ILE A 93 8.39 -7.34 6.02
N TYR A 94 9.34 -7.34 5.11
CA TYR A 94 10.35 -6.28 5.06
C TYR A 94 10.12 -5.37 3.85
N LEU A 95 10.01 -4.07 4.09
CA LEU A 95 9.84 -3.12 3.01
C LEU A 95 11.20 -2.66 2.49
N SER A 96 11.45 -2.84 1.21
CA SER A 96 12.69 -2.40 0.59
C SER A 96 12.51 -2.28 -0.91
N PRO A 97 13.36 -1.48 -1.58
CA PRO A 97 13.35 -1.40 -3.05
C PRO A 97 13.68 -2.73 -3.75
N GLN A 98 14.31 -3.68 -3.04
CA GLN A 98 14.67 -4.97 -3.66
C GLN A 98 13.52 -5.97 -3.59
N GLY A 99 12.39 -5.55 -3.06
CA GLY A 99 11.30 -6.49 -2.79
C GLY A 99 10.36 -6.64 -3.96
N ARG A 100 9.42 -7.58 -3.82
CA ARG A 100 8.33 -7.74 -4.79
C ARG A 100 7.56 -6.43 -4.97
N LYS A 101 7.34 -6.01 -6.21
CA LYS A 101 6.63 -4.75 -6.45
C LYS A 101 5.15 -4.82 -6.06
N LEU A 102 4.74 -3.96 -5.13
CA LEU A 102 3.33 -3.91 -4.73
C LEU A 102 2.44 -3.42 -5.87
N ASP A 103 1.34 -4.14 -6.14
CA ASP A 103 0.26 -3.60 -6.95
C ASP A 103 -1.07 -4.06 -6.32
N GLN A 104 -2.19 -3.71 -6.93
CA GLN A 104 -3.49 -3.94 -6.29
C GLN A 104 -3.78 -5.42 -6.07
N GLY A 105 -3.37 -6.26 -7.01
CA GLY A 105 -3.55 -7.70 -6.85
C GLY A 105 -2.70 -8.20 -5.69
N GLY A 106 -1.53 -7.60 -5.53
CA GLY A 106 -0.64 -7.91 -4.43
C GLY A 106 -1.21 -7.45 -3.11
N VAL A 107 -1.91 -6.31 -3.12
CA VAL A 107 -2.59 -5.79 -1.92
C VAL A 107 -3.68 -6.78 -1.47
N THR A 108 -4.47 -7.25 -2.42
CA THR A 108 -5.54 -8.19 -2.10
C THR A 108 -4.97 -9.51 -1.56
N GLU A 109 -3.76 -9.87 -2.00
CA GLU A 109 -3.10 -11.04 -1.46
C GLU A 109 -2.70 -10.84 0.00
N LEU A 110 -2.08 -9.70 0.29
CA LEU A 110 -1.61 -9.41 1.64
C LEU A 110 -2.78 -9.23 2.60
N ALA A 111 -3.90 -8.72 2.08
CA ALA A 111 -5.13 -8.53 2.84
C ALA A 111 -5.75 -9.84 3.35
N GLN A 112 -5.27 -10.97 2.84
CA GLN A 112 -5.77 -12.29 3.28
C GLN A 112 -5.23 -12.65 4.65
N ASN A 113 -4.09 -12.06 5.01
CA ASN A 113 -3.47 -12.31 6.30
C ASN A 113 -4.18 -11.58 7.44
N GLN A 114 -4.48 -12.30 8.51
CA GLN A 114 -5.14 -11.69 9.66
C GLN A 114 -4.12 -10.94 10.49
N LYS A 115 -2.85 -11.36 10.37
CA LYS A 115 -1.74 -10.76 11.12
C LYS A 115 -0.54 -10.50 10.24
N LEU A 116 0.04 -9.31 10.36
CA LEU A 116 1.24 -8.96 9.65
C LEU A 116 2.21 -8.31 10.60
N ILE A 117 3.49 -8.53 10.38
CA ILE A 117 4.51 -7.75 11.04
C ILE A 117 5.34 -7.02 9.98
N LEU A 118 5.42 -5.70 10.09
CA LEU A 118 6.12 -4.91 9.09
C LEU A 118 7.42 -4.37 9.66
N VAL A 119 8.52 -4.68 9.02
CA VAL A 119 9.81 -4.25 9.53
C VAL A 119 10.27 -3.04 8.72
N CYS A 120 10.46 -1.90 9.39
CA CYS A 120 10.84 -0.69 8.68
C CYS A 120 12.34 -0.42 8.79
N GLY A 121 13.05 -0.56 7.67
CA GLY A 121 14.47 -0.29 7.64
C GLY A 121 14.80 1.20 7.61
N ARG A 122 15.94 1.57 8.18
CA ARG A 122 16.48 2.92 8.09
C ARG A 122 17.92 2.79 7.64
N TYR A 123 18.61 3.91 7.40
CA TYR A 123 20.00 3.91 6.92
C TYR A 123 20.09 3.08 5.64
N GLU A 124 21.11 2.23 5.52
CA GLU A 124 21.23 1.43 4.28
C GLU A 124 20.44 0.12 4.39
N GLY A 125 19.68 -0.04 5.46
CA GLY A 125 18.82 -1.20 5.59
C GLY A 125 19.29 -2.17 6.66
N ILE A 126 18.93 -3.44 6.53
CA ILE A 126 19.25 -4.41 7.56
C ILE A 126 20.19 -5.51 7.06
N ASP A 127 20.86 -6.18 8.01
CA ASP A 127 21.75 -7.27 7.70
C ASP A 127 21.04 -8.35 6.87
N GLU A 128 21.69 -8.81 5.82
CA GLU A 128 21.13 -9.82 4.90
C GLU A 128 20.69 -11.11 5.61
N ARG A 129 21.46 -11.53 6.60
CA ARG A 129 21.15 -12.76 7.33
C ARG A 129 19.87 -12.66 8.16
N LEU A 130 19.50 -11.44 8.59
CA LEU A 130 18.21 -11.25 9.27
C LEU A 130 17.05 -11.43 8.29
N ILE A 131 17.25 -11.02 7.05
CA ILE A 131 16.22 -11.22 6.03
C ILE A 131 15.99 -12.71 5.87
N GLN A 132 17.07 -13.47 5.81
CA GLN A 132 16.99 -14.92 5.71
C GLN A 132 16.33 -15.58 6.91
N THR A 133 16.66 -15.11 8.12
CA THR A 133 16.23 -15.83 9.31
C THR A 133 14.94 -15.29 9.90
N GLU A 134 14.56 -14.06 9.56
CA GLU A 134 13.41 -13.45 10.23
C GLU A 134 12.29 -13.00 9.29
N ILE A 135 12.62 -12.73 8.03
CA ILE A 135 11.64 -12.12 7.13
C ILE A 135 10.97 -13.18 6.27
N ASP A 136 9.65 -13.10 6.11
CA ASP A 136 8.97 -14.07 5.26
C ASP A 136 8.94 -13.60 3.81
N GLU A 137 8.54 -12.34 3.62
CA GLU A 137 8.42 -11.76 2.28
C GLU A 137 8.98 -10.35 2.26
N GLU A 138 9.67 -10.03 1.17
CA GLU A 138 10.19 -8.70 0.93
C GLU A 138 9.33 -7.98 -0.13
N TRP A 139 8.84 -6.78 0.19
CA TRP A 139 7.98 -6.03 -0.76
C TRP A 139 8.46 -4.61 -1.01
N SER A 140 8.22 -4.11 -2.22
CA SER A 140 8.49 -2.72 -2.54
C SER A 140 7.20 -2.00 -2.95
N ILE A 141 7.02 -0.75 -2.50
CA ILE A 141 5.85 0.00 -2.93
C ILE A 141 6.10 0.69 -4.28
N GLY A 142 7.33 0.62 -4.77
CA GLY A 142 7.63 1.22 -6.06
C GLY A 142 9.13 1.34 -6.30
N ASP A 143 9.52 1.63 -7.54
CA ASP A 143 10.94 1.68 -7.89
C ASP A 143 11.56 3.05 -7.61
N TYR A 144 11.64 3.38 -6.33
CA TYR A 144 12.30 4.59 -5.87
C TYR A 144 12.81 4.36 -4.47
N VAL A 145 13.71 5.21 -4.02
CA VAL A 145 14.37 5.08 -2.73
C VAL A 145 13.94 6.16 -1.75
N LEU A 146 13.59 5.74 -0.54
CA LEU A 146 13.12 6.65 0.50
C LEU A 146 14.07 6.61 1.69
N THR A 147 13.90 7.54 2.63
CA THR A 147 14.78 7.59 3.79
C THR A 147 14.44 6.52 4.82
N GLY A 148 13.32 5.84 4.65
CA GLY A 148 12.95 4.81 5.62
C GLY A 148 11.79 3.98 5.15
N GLY A 149 11.60 2.82 5.76
CA GLY A 149 10.50 1.95 5.37
C GLY A 149 9.16 2.32 5.99
N GLU A 150 9.12 3.38 6.80
CA GLU A 150 7.87 3.77 7.46
C GLU A 150 6.77 4.21 6.48
N LEU A 151 7.09 5.09 5.54
CA LEU A 151 6.06 5.49 4.57
C LEU A 151 5.61 4.30 3.73
N PRO A 152 6.54 3.43 3.27
CA PRO A 152 6.05 2.22 2.59
C PRO A 152 5.18 1.32 3.47
N ALA A 153 5.51 1.17 4.75
CA ALA A 153 4.69 0.39 5.65
C ALA A 153 3.29 1.00 5.82
N MET A 154 3.23 2.32 5.98
CA MET A 154 1.95 3.01 6.13
C MET A 154 1.12 2.92 4.87
N THR A 155 1.79 3.05 3.72
CA THR A 155 1.14 2.86 2.42
C THR A 155 0.50 1.46 2.31
N LEU A 156 1.26 0.45 2.69
CA LEU A 156 0.76 -0.92 2.68
C LEU A 156 -0.42 -1.08 3.64
N ILE A 157 -0.30 -0.56 4.86
CA ILE A 157 -1.39 -0.65 5.83
C ILE A 157 -2.68 0.00 5.29
N ASP A 158 -2.56 1.20 4.78
CA ASP A 158 -3.70 1.93 4.22
C ASP A 158 -4.37 1.14 3.09
N ALA A 159 -3.56 0.62 2.18
CA ALA A 159 -4.07 -0.12 1.03
C ALA A 159 -4.82 -1.39 1.46
N VAL A 160 -4.25 -2.17 2.39
CA VAL A 160 -4.95 -3.40 2.80
C VAL A 160 -6.14 -3.08 3.71
N ALA A 161 -6.04 -2.00 4.50
CA ALA A 161 -7.15 -1.57 5.36
C ALA A 161 -8.45 -1.41 4.57
N ARG A 162 -8.34 -0.98 3.31
CA ARG A 162 -9.54 -0.76 2.49
C ARG A 162 -10.32 -2.04 2.20
N PHE A 163 -9.66 -3.20 2.35
CA PHE A 163 -10.32 -4.48 2.13
C PHE A 163 -10.89 -5.10 3.40
N ILE A 164 -10.70 -4.43 4.54
CA ILE A 164 -11.31 -4.90 5.77
C ILE A 164 -12.78 -4.51 5.72
N PRO A 165 -13.69 -5.49 5.83
CA PRO A 165 -15.12 -5.16 5.77
C PRO A 165 -15.48 -4.16 6.87
N GLY A 166 -16.28 -3.15 6.51
CA GLY A 166 -16.65 -2.12 7.46
C GLY A 166 -15.78 -0.87 7.40
N VAL A 167 -14.59 -1.00 6.82
CA VAL A 167 -13.68 0.14 6.79
C VAL A 167 -14.15 1.19 5.78
N LEU A 168 -14.49 0.77 4.58
CA LEU A 168 -15.07 1.67 3.61
C LEU A 168 -16.57 1.81 3.87
N GLY A 169 -17.12 3.00 3.60
CA GLY A 169 -18.53 3.24 3.81
C GLY A 169 -19.37 2.76 2.64
N SER A 178 -12.45 1.85 -9.74
CA SER A 178 -12.50 1.21 -11.06
C SER A 178 -11.28 0.33 -11.30
N PHE A 179 -10.37 0.30 -10.34
CA PHE A 179 -9.18 -0.52 -10.45
C PHE A 179 -9.54 -2.00 -10.37
N ALA A 180 -10.69 -2.29 -9.75
CA ALA A 180 -11.13 -3.65 -9.49
C ALA A 180 -11.22 -4.51 -10.75
N ASP A 181 -11.63 -3.90 -11.86
CA ASP A 181 -11.64 -4.64 -13.13
C ASP A 181 -10.44 -4.23 -13.99
N GLY A 182 -9.42 -3.64 -13.35
CA GLY A 182 -8.12 -3.48 -13.99
C GLY A 182 -7.93 -2.25 -14.85
N LEU A 183 -8.87 -1.33 -14.80
CA LEU A 183 -8.82 -0.14 -15.63
C LEU A 183 -8.60 1.12 -14.79
N LEU A 184 -8.10 2.18 -15.41
CA LEU A 184 -8.01 3.46 -14.74
C LEU A 184 -9.42 4.01 -14.56
N ASP A 185 -9.62 4.85 -13.56
CA ASP A 185 -10.94 5.41 -13.27
C ASP A 185 -11.41 6.37 -14.37
N CYS A 186 -12.73 6.42 -14.57
CA CYS A 186 -13.35 7.42 -15.45
C CYS A 186 -13.29 8.81 -14.79
N PRO A 187 -13.46 9.89 -15.60
CA PRO A 187 -13.56 11.24 -15.06
C PRO A 187 -14.80 11.42 -14.21
N HIS A 188 -14.70 12.23 -13.16
CA HIS A 188 -15.79 12.51 -12.23
C HIS A 188 -16.03 14.01 -12.20
N TYR A 189 -17.29 14.38 -12.00
CA TYR A 189 -17.76 15.77 -12.01
C TYR A 189 -18.68 15.99 -10.83
N THR A 190 -18.55 17.17 -10.21
CA THR A 190 -19.51 17.61 -9.19
C THR A 190 -19.81 19.09 -9.45
N ARG A 191 -20.57 19.73 -8.55
CA ARG A 191 -20.98 21.13 -8.74
C ARG A 191 -19.75 22.04 -8.87
N PRO A 192 -19.84 23.12 -9.66
CA PRO A 192 -20.97 23.60 -10.45
C PRO A 192 -21.05 22.96 -11.83
N GLU A 193 -22.18 23.19 -12.47
CA GLU A 193 -22.47 22.63 -13.77
C GLU A 193 -21.50 23.16 -14.83
N VAL A 194 -21.09 24.40 -14.66
CA VAL A 194 -20.08 25.03 -15.52
C VAL A 194 -18.91 25.55 -14.67
N LEU A 195 -17.70 25.20 -15.06
CA LEU A 195 -16.51 25.59 -14.30
C LEU A 195 -15.45 26.12 -15.27
N GLU A 196 -15.22 27.42 -15.21
CA GLU A 196 -14.36 28.12 -16.17
C GLU A 196 -14.66 27.76 -17.62
N GLY A 197 -15.93 27.83 -17.99
CA GLY A 197 -16.36 27.54 -19.35
C GLY A 197 -16.59 26.07 -19.62
N LEU A 198 -16.09 25.22 -18.74
CA LEU A 198 -16.13 23.77 -18.91
C LEU A 198 -17.41 23.18 -18.30
N THR A 199 -18.16 22.47 -19.12
CA THR A 199 -19.46 21.95 -18.71
C THR A 199 -19.40 20.46 -18.39
N VAL A 200 -20.35 20.00 -17.59
CA VAL A 200 -20.47 18.58 -17.28
C VAL A 200 -21.06 17.86 -18.49
N PRO A 201 -20.44 16.72 -18.88
CA PRO A 201 -21.03 15.88 -19.94
C PRO A 201 -22.53 15.63 -19.71
N PRO A 202 -23.38 16.05 -20.65
CA PRO A 202 -24.85 15.95 -20.57
C PRO A 202 -25.37 14.59 -20.10
N VAL A 203 -24.74 13.50 -20.52
CA VAL A 203 -25.18 12.17 -20.12
C VAL A 203 -25.24 12.02 -18.60
N LEU A 204 -24.30 12.63 -17.89
CA LEU A 204 -24.26 12.54 -16.43
C LEU A 204 -25.43 13.29 -15.79
N MET A 205 -26.07 14.16 -16.57
CA MET A 205 -27.25 14.90 -16.09
C MET A 205 -28.55 14.21 -16.52
N SER A 206 -28.46 13.21 -17.38
CA SER A 206 -29.63 12.64 -18.04
C SER A 206 -30.49 11.76 -17.13
N GLY A 207 -29.90 11.27 -16.05
CA GLY A 207 -30.59 10.33 -15.19
C GLY A 207 -30.77 8.96 -15.83
N HIS A 208 -30.17 8.77 -17.01
CA HIS A 208 -30.27 7.50 -17.71
C HIS A 208 -29.17 6.56 -17.25
N HIS A 209 -29.49 5.73 -16.26
CA HIS A 209 -28.48 4.96 -15.54
C HIS A 209 -27.65 4.03 -16.42
N GLU A 210 -28.26 3.40 -17.41
CA GLU A 210 -27.53 2.52 -18.29
C GLU A 210 -26.61 3.29 -19.25
N GLU A 211 -27.07 4.43 -19.75
CA GLU A 211 -26.20 5.26 -20.58
C GLU A 211 -25.02 5.77 -19.77
N ILE A 212 -25.26 6.15 -18.52
CA ILE A 212 -24.21 6.67 -17.66
C ILE A 212 -23.16 5.58 -17.40
N ARG A 213 -23.63 4.36 -17.15
CA ARG A 213 -22.71 3.25 -16.89
C ARG A 213 -21.79 3.00 -18.08
N LYS A 214 -22.37 2.99 -19.27
CA LYS A 214 -21.61 2.71 -20.49
C LYS A 214 -20.67 3.87 -20.83
N TRP A 215 -21.11 5.10 -20.59
CA TRP A 215 -20.21 6.25 -20.76
C TRP A 215 -18.97 6.14 -19.85
N ARG A 216 -19.19 5.87 -18.57
CA ARG A 216 -18.09 5.72 -17.62
C ARG A 216 -17.15 4.58 -18.00
N LEU A 217 -17.72 3.46 -18.43
CA LEU A 217 -16.91 2.30 -18.81
C LEU A 217 -16.08 2.66 -20.03
N LYS A 218 -16.73 3.30 -21.01
CA LYS A 218 -16.03 3.73 -22.22
C LYS A 218 -14.87 4.69 -21.92
N GLN A 219 -15.12 5.67 -21.05
CA GLN A 219 -14.10 6.61 -20.64
C GLN A 219 -12.93 5.90 -19.94
N SER A 220 -13.24 4.95 -19.07
CA SER A 220 -12.19 4.19 -18.37
C SER A 220 -11.32 3.46 -19.37
N LEU A 221 -11.96 2.85 -20.36
CA LEU A 221 -11.25 2.09 -21.38
C LEU A 221 -10.36 3.01 -22.19
N GLN A 222 -10.90 4.16 -22.58
CA GLN A 222 -10.15 5.12 -23.37
C GLN A 222 -8.97 5.69 -22.59
N ARG A 223 -9.21 6.07 -21.34
CA ARG A 223 -8.16 6.59 -20.46
C ARG A 223 -7.04 5.56 -20.27
N THR A 224 -7.42 4.31 -20.03
CA THR A 224 -6.42 3.27 -19.83
C THR A 224 -5.63 3.09 -21.12
N TRP A 225 -6.32 3.08 -22.26
CA TRP A 225 -5.67 2.90 -23.55
C TRP A 225 -4.67 4.02 -23.85
N LEU A 226 -5.05 5.26 -23.55
CA LEU A 226 -4.19 6.41 -23.85
C LEU A 226 -3.02 6.56 -22.88
N ARG A 227 -3.26 6.29 -21.60
CA ARG A 227 -2.26 6.57 -20.56
C ARG A 227 -1.46 5.35 -20.16
N ARG A 228 -2.10 4.18 -20.14
CA ARG A 228 -1.47 2.96 -19.64
C ARG A 228 -1.82 1.75 -20.51
N PRO A 229 -1.46 1.81 -21.82
CA PRO A 229 -1.87 0.77 -22.76
C PRO A 229 -1.43 -0.65 -22.37
N GLU A 230 -0.35 -0.77 -21.58
CA GLU A 230 0.13 -2.09 -21.22
C GLU A 230 -0.84 -2.76 -20.23
N LEU A 231 -1.60 -1.97 -19.48
CA LEU A 231 -2.58 -2.54 -18.56
C LEU A 231 -3.71 -3.26 -19.29
N LEU A 232 -4.01 -2.81 -20.50
CA LEU A 232 -5.05 -3.43 -21.31
C LEU A 232 -4.65 -4.81 -21.77
N GLU A 233 -3.36 -4.99 -22.00
CA GLU A 233 -2.85 -6.26 -22.49
C GLU A 233 -2.97 -7.35 -21.43
N GLY A 234 -3.09 -6.95 -20.17
CA GLY A 234 -3.18 -7.91 -19.10
C GLY A 234 -4.59 -8.40 -18.92
N LEU A 235 -5.51 -7.84 -19.69
CA LEU A 235 -6.93 -8.11 -19.51
C LEU A 235 -7.56 -8.94 -20.62
N ALA A 236 -8.56 -9.71 -20.23
CA ALA A 236 -9.48 -10.37 -21.16
C ALA A 236 -10.76 -9.54 -21.18
N LEU A 237 -10.87 -8.64 -22.14
CA LEU A 237 -12.01 -7.74 -22.20
C LEU A 237 -13.31 -8.47 -22.52
N THR A 238 -14.38 -8.07 -21.86
CA THR A 238 -15.71 -8.57 -22.19
C THR A 238 -16.10 -8.08 -23.59
N ASP A 239 -17.11 -8.71 -24.21
CA ASP A 239 -17.68 -8.23 -25.47
C ASP A 239 -17.98 -6.73 -25.38
N GLU A 240 -18.67 -6.36 -24.31
CA GLU A 240 -19.09 -4.97 -24.14
C GLU A 240 -17.86 -4.07 -24.06
N GLN A 241 -16.85 -4.51 -23.33
CA GLN A 241 -15.66 -3.70 -23.18
C GLN A 241 -14.93 -3.57 -24.52
N ARG A 242 -14.84 -4.68 -25.27
CA ARG A 242 -14.23 -4.66 -26.60
C ARG A 242 -14.95 -3.68 -27.54
N LYS A 243 -16.28 -3.65 -27.47
CA LYS A 243 -17.08 -2.75 -28.31
C LYS A 243 -16.78 -1.30 -28.00
N LEU A 244 -16.86 -0.96 -26.71
CA LEU A 244 -16.70 0.42 -26.26
C LEU A 244 -15.29 0.94 -26.49
N LEU A 245 -14.30 0.09 -26.27
CA LEU A 245 -12.92 0.44 -26.56
C LEU A 245 -12.72 0.73 -28.05
N LYS A 246 -13.30 -0.10 -28.91
CA LYS A 246 -13.22 0.13 -30.35
C LYS A 246 -13.85 1.47 -30.74
N GLU A 247 -15.05 1.75 -30.21
CA GLU A 247 -15.72 3.04 -30.45
C GLU A 247 -14.83 4.20 -30.05
N ALA A 248 -14.20 4.07 -28.88
CA ALA A 248 -13.35 5.14 -28.34
C ALA A 248 -12.12 5.38 -29.22
N GLN A 249 -11.50 4.29 -29.67
CA GLN A 249 -10.34 4.40 -30.55
C GLN A 249 -10.74 4.99 -31.90
N ALA A 250 -11.92 4.62 -32.39
CA ALA A 250 -12.46 5.19 -33.62
C ALA A 250 -12.72 6.70 -33.49
N GLU A 251 -13.23 7.11 -32.34
CA GLU A 251 -13.53 8.53 -32.12
C GLU A 251 -12.26 9.33 -31.93
N HIS A 252 -11.23 8.69 -31.39
CA HIS A 252 -9.95 9.34 -31.22
C HIS A 252 -9.27 9.57 -32.57
N ASN A 253 -9.61 8.72 -33.54
CA ASN A 253 -9.01 8.76 -34.88
C ASN A 253 -9.80 9.62 -35.87
C8 4GM B . 17.34 0.99 1.59
C9 4GM B . 17.34 -0.38 1.83
C2 4GM B . 11.40 0.77 0.93
C7 4GM B . 16.41 1.83 2.22
C10 4GM B . 16.43 -0.93 2.72
C3 4GM B . 12.29 1.24 1.88
C12 4GM B . 11.99 2.61 -0.48
C1 4GM B . 11.23 1.45 -0.27
C6 4GM B . 15.48 1.29 3.10
C11 4GM B . 15.51 -0.09 3.35
C4 4GM B . 13.01 2.43 1.63
C 4GM B . 10.25 0.97 -1.25
C5 4GM B . 14.42 2.20 3.67
N2 4GM B . 12.86 3.12 0.41
N 4GM B . 10.40 1.37 -2.58
N1 4GM B . 13.98 2.94 2.47
O 4GM B . 9.30 0.25 -0.94
O1 4GM B . 14.61 -0.55 4.25
#